data_6I3V
#
_entry.id   6I3V
#
_cell.length_a   127.312
_cell.length_b   127.312
_cell.length_c   177.390
_cell.angle_alpha   90.000
_cell.angle_beta   90.000
_cell.angle_gamma   120.000
#
_symmetry.space_group_name_H-M   'P 63 2 2'
#
loop_
_entity.id
_entity.type
_entity.pdbx_description
1 polymer 'PRELI domain-containing protein 1, mitochondrial'
2 polymer 'TP53-regulated inhibitor of apoptosis 1'
3 non-polymer 'MYRISTIC ACID'
4 non-polymer 'CHLORIDE ION'
5 non-polymer 'SODIUM ION'
6 water water
#
loop_
_entity_poly.entity_id
_entity_poly.type
_entity_poly.pdbx_seq_one_letter_code
_entity_poly.pdbx_strand_id
1 'polypeptide(L)'
;HHHHHHSDQMVKYFLGQSVLRSSWDQVFAAFWQRYPNPYSKHVLTEDIVHREVTPDQKLLSRRLLTKTNRMPRWAERLFP
ANVAHSVYVLEDSIVDPQNQTMTTFTWNINHARLMVVEERSVYSVNSDNSGWTEIRREAWVSSSLFGVSRAVQEFGLARF
KSNVTKTMKGFEYILAKLQGEA
;
F,B
2 'polypeptide(L)' DKMNSVGEACTDMKREYDQCFNRWFAEKFLKGDSSGDPCTDLFKRYQQCVQKAIKEKEIPIEGLEFMGH A,C
#
# COMPACT_ATOMS: atom_id res chain seq x y z
N HIS A 1 -4.70 -14.84 2.17
CA HIS A 1 -5.04 -13.44 2.32
C HIS A 1 -3.76 -12.59 2.44
N HIS A 2 -3.88 -11.33 2.02
CA HIS A 2 -2.77 -10.42 2.10
C HIS A 2 -3.31 -9.02 1.83
N HIS A 3 -2.53 -8.04 2.24
CA HIS A 3 -2.91 -6.66 1.91
C HIS A 3 -1.66 -5.82 2.03
N HIS A 4 -1.71 -4.63 1.44
CA HIS A 4 -0.62 -3.72 1.66
C HIS A 4 -1.14 -2.29 1.44
N HIS A 5 -0.33 -1.32 1.87
CA HIS A 5 -0.68 0.07 1.61
C HIS A 5 0.61 0.87 1.47
N HIS A 6 0.47 2.02 0.82
CA HIS A 6 1.59 2.93 0.61
C HIS A 6 1.05 4.26 0.12
N SER A 7 1.91 5.28 0.08
CA SER A 7 1.39 6.56 -0.39
C SER A 7 1.13 6.53 -1.91
N ASP A 8 0.17 7.34 -2.34
CA ASP A 8 -0.06 7.73 -3.73
C ASP A 8 0.46 9.15 -4.04
N GLN A 9 0.08 10.18 -3.25
CA GLN A 9 0.51 11.59 -3.38
C GLN A 9 -0.01 12.43 -2.21
N MET A 10 0.33 12.11 -0.95
CA MET A 10 -0.56 12.47 0.18
C MET A 10 -1.90 11.71 0.16
N VAL A 11 -2.13 10.88 -0.80
CA VAL A 11 -3.25 9.94 -0.70
C VAL A 11 -2.61 8.63 -0.30
N LYS A 12 -3.21 7.89 0.65
CA LYS A 12 -2.76 6.53 0.99
C LYS A 12 -3.58 5.53 0.19
N TYR A 13 -2.91 4.56 -0.43
CA TYR A 13 -3.57 3.59 -1.28
C TYR A 13 -3.48 2.22 -0.64
N PHE A 14 -4.57 1.45 -0.64
CA PHE A 14 -4.58 0.16 0.06
C PHE A 14 -5.00 -0.87 -0.96
N LEU A 15 -4.38 -2.06 -0.95
CA LEU A 15 -4.88 -3.13 -1.81
C LEU A 15 -4.91 -4.40 -0.98
N GLY A 16 -6.05 -5.08 -0.96
CA GLY A 16 -6.25 -6.23 -0.09
C GLY A 16 -6.89 -7.33 -0.90
N GLN A 17 -6.59 -8.56 -0.52
CA GLN A 17 -7.24 -9.69 -1.18
C GLN A 17 -7.66 -10.69 -0.11
N SER A 18 -8.90 -11.12 -0.17
CA SER A 18 -9.35 -12.11 0.77
C SER A 18 -10.27 -13.11 0.08
N VAL A 19 -10.61 -14.15 0.83
CA VAL A 19 -11.44 -15.21 0.29
C VAL A 19 -12.51 -15.53 1.32
N LEU A 20 -13.72 -15.74 0.84
CA LEU A 20 -14.79 -16.32 1.62
C LEU A 20 -15.00 -17.75 1.15
N ARG A 21 -15.03 -18.69 2.11
CA ARG A 21 -15.23 -20.11 1.76
C ARG A 21 -16.71 -20.44 1.54
N SER A 22 -17.35 -19.69 0.65
CA SER A 22 -18.77 -19.81 0.34
C SER A 22 -18.95 -19.51 -1.14
N SER A 23 -20.01 -20.03 -1.75
CA SER A 23 -20.13 -19.85 -3.19
C SER A 23 -20.59 -18.43 -3.51
N TRP A 24 -20.34 -18.01 -4.76
CA TRP A 24 -20.56 -16.60 -5.11
C TRP A 24 -22.01 -16.21 -4.87
N ASP A 25 -22.95 -17.11 -5.20
CA ASP A 25 -24.36 -16.77 -5.01
C ASP A 25 -24.72 -16.60 -3.53
N GLN A 26 -24.13 -17.40 -2.62
CA GLN A 26 -24.39 -17.21 -1.20
C GLN A 26 -23.79 -15.89 -0.73
N VAL A 27 -22.58 -15.59 -1.18
CA VAL A 27 -21.95 -14.33 -0.78
C VAL A 27 -22.81 -13.15 -1.29
N PHE A 28 -23.28 -13.22 -2.54
CA PHE A 28 -24.01 -12.04 -3.05
C PHE A 28 -25.29 -11.87 -2.26
N ALA A 29 -25.94 -13.00 -1.88
CA ALA A 29 -27.14 -12.89 -1.07
C ALA A 29 -26.82 -12.36 0.32
N ALA A 30 -25.73 -12.84 0.90
CA ALA A 30 -25.37 -12.45 2.25
C ALA A 30 -25.04 -10.96 2.34
N PHE A 31 -24.53 -10.39 1.22
CA PHE A 31 -24.18 -8.98 1.16
C PHE A 31 -25.34 -8.12 1.65
N TRP A 32 -26.57 -8.50 1.28
CA TRP A 32 -27.73 -7.73 1.67
C TRP A 32 -28.21 -8.04 3.07
N GLN A 33 -27.72 -9.10 3.71
CA GLN A 33 -28.28 -9.54 4.99
C GLN A 33 -27.25 -9.44 6.09
N ARG A 34 -26.07 -8.89 5.80
CA ARG A 34 -25.01 -9.00 6.78
C ARG A 34 -25.19 -8.07 7.97
N TYR A 35 -26.03 -7.02 7.87
CA TYR A 35 -26.35 -6.22 9.04
C TYR A 35 -27.73 -6.58 9.61
N PRO A 36 -27.88 -6.64 10.96
CA PRO A 36 -26.81 -6.40 11.93
C PRO A 36 -26.03 -7.71 12.16
N ASN A 37 -24.84 -7.64 12.73
CA ASN A 37 -24.15 -8.87 13.13
C ASN A 37 -23.31 -8.49 14.33
N PRO A 38 -22.72 -9.46 15.04
CA PRO A 38 -21.97 -9.11 16.26
C PRO A 38 -20.81 -8.12 16.03
N TYR A 39 -20.26 -8.03 14.82
CA TYR A 39 -19.13 -7.15 14.49
C TYR A 39 -19.54 -5.79 13.91
N SER A 40 -20.83 -5.44 13.95
CA SER A 40 -21.34 -4.26 13.23
C SER A 40 -22.06 -3.28 14.16
N LYS A 41 -21.74 -3.27 15.46
CA LYS A 41 -22.41 -2.36 16.38
C LYS A 41 -22.19 -0.87 16.02
N HIS A 42 -21.15 -0.54 15.27
CA HIS A 42 -20.91 0.85 14.84
C HIS A 42 -21.79 1.27 13.68
N VAL A 43 -22.55 0.33 13.10
CA VAL A 43 -23.44 0.60 11.98
C VAL A 43 -24.84 0.75 12.55
N LEU A 44 -25.38 1.98 12.51
CA LEU A 44 -26.60 2.34 13.20
C LEU A 44 -27.82 2.24 12.32
N THR A 45 -27.66 2.45 11.03
CA THR A 45 -28.79 2.67 10.15
C THR A 45 -28.45 2.12 8.77
N GLU A 46 -29.47 1.62 8.09
CA GLU A 46 -29.20 1.01 6.81
C GLU A 46 -30.39 1.20 5.92
N ASP A 47 -30.18 1.72 4.72
CA ASP A 47 -31.29 1.95 3.82
C ASP A 47 -30.87 1.76 2.37
N ILE A 48 -31.78 1.29 1.54
CA ILE A 48 -31.62 1.42 0.09
C ILE A 48 -32.22 2.75 -0.33
N VAL A 49 -31.48 3.54 -1.11
CA VAL A 49 -32.04 4.79 -1.58
C VAL A 49 -32.14 4.86 -3.08
N HIS A 50 -31.65 3.84 -3.78
CA HIS A 50 -31.87 3.70 -5.22
C HIS A 50 -31.70 2.24 -5.58
N ARG A 51 -32.54 1.73 -6.50
CA ARG A 51 -32.30 0.37 -7.00
C ARG A 51 -33.01 0.18 -8.34
N GLU A 52 -32.32 -0.43 -9.29
CA GLU A 52 -32.94 -0.73 -10.56
C GLU A 52 -32.19 -1.88 -11.19
N VAL A 53 -32.85 -2.51 -12.14
CA VAL A 53 -32.28 -3.55 -12.99
C VAL A 53 -32.08 -2.98 -14.39
N THR A 54 -30.90 -3.20 -14.97
CA THR A 54 -30.61 -2.60 -16.26
C THR A 54 -31.13 -3.49 -17.38
N PRO A 55 -31.15 -2.98 -18.62
CA PRO A 55 -31.47 -3.85 -19.76
C PRO A 55 -30.62 -5.11 -19.83
N ASP A 56 -29.35 -5.08 -19.41
CA ASP A 56 -28.50 -6.25 -19.43
C ASP A 56 -28.52 -7.04 -18.13
N GLN A 57 -29.60 -6.93 -17.35
CA GLN A 57 -29.83 -7.75 -16.16
C GLN A 57 -28.72 -7.58 -15.13
N LYS A 58 -28.38 -6.34 -14.84
CA LYS A 58 -27.51 -6.03 -13.72
C LYS A 58 -28.33 -5.27 -12.70
N LEU A 59 -28.05 -5.55 -11.44
CA LEU A 59 -28.70 -4.86 -10.35
C LEU A 59 -27.83 -3.70 -9.91
N LEU A 60 -28.33 -2.45 -10.04
CA LEU A 60 -27.68 -1.23 -9.55
C LEU A 60 -28.35 -0.78 -8.25
N SER A 61 -27.58 -0.68 -7.15
CA SER A 61 -28.17 -0.27 -5.89
C SER A 61 -27.32 0.81 -5.25
N ARG A 62 -27.97 1.66 -4.46
CA ARG A 62 -27.28 2.59 -3.58
C ARG A 62 -27.80 2.42 -2.17
N ARG A 63 -26.91 2.06 -1.26
CA ARG A 63 -27.25 1.81 0.15
C ARG A 63 -26.65 2.92 0.99
N LEU A 64 -27.45 3.48 1.87
CA LEU A 64 -27.00 4.53 2.76
C LEU A 64 -26.86 3.96 4.17
N LEU A 65 -25.69 4.16 4.79
CA LEU A 65 -25.47 3.74 6.16
C LEU A 65 -25.12 4.92 7.07
N THR A 66 -25.59 4.88 8.31
CA THR A 66 -25.12 5.80 9.33
C THR A 66 -24.22 4.99 10.24
N LYS A 67 -23.06 5.54 10.53
CA LYS A 67 -22.04 4.87 11.31
C LYS A 67 -21.63 5.80 12.43
N THR A 68 -21.21 5.20 13.55
CA THR A 68 -20.81 5.99 14.68
C THR A 68 -19.52 6.71 14.35
N ASN A 69 -19.39 7.89 14.87
CA ASN A 69 -18.19 8.69 14.68
C ASN A 69 -17.38 8.50 15.93
N ARG A 70 -16.31 7.77 15.82
CA ARG A 70 -15.48 7.51 16.99
C ARG A 70 -14.11 8.07 16.66
N MET A 71 -13.81 9.24 17.18
CA MET A 71 -12.50 9.81 16.89
C MET A 71 -11.62 9.74 18.12
N PRO A 72 -10.31 9.65 17.96
CA PRO A 72 -9.44 9.86 19.10
C PRO A 72 -9.59 11.27 19.68
N ARG A 73 -9.24 11.40 20.95
CA ARG A 73 -9.50 12.65 21.67
C ARG A 73 -8.71 13.81 21.11
N TRP A 74 -7.45 13.56 20.70
CA TRP A 74 -6.70 14.63 20.05
C TRP A 74 -7.42 15.12 18.81
N ALA A 75 -8.13 14.25 18.13
CA ALA A 75 -8.85 14.70 16.94
C ALA A 75 -10.14 15.42 17.31
N GLU A 76 -10.80 15.04 18.41
CA GLU A 76 -11.96 15.80 18.87
C GLU A 76 -11.57 17.24 19.16
N ARG A 77 -10.48 17.43 19.91
CA ARG A 77 -10.03 18.78 20.22
C ARG A 77 -9.74 19.56 18.96
N LEU A 78 -9.10 18.94 17.98
CA LEU A 78 -8.78 19.66 16.77
C LEU A 78 -10.03 19.95 15.95
N PHE A 79 -11.03 19.08 15.99
CA PHE A 79 -12.18 19.18 15.11
C PHE A 79 -13.48 19.18 15.93
N PRO A 80 -13.68 20.23 16.73
CA PRO A 80 -14.82 20.22 17.66
C PRO A 80 -16.12 20.10 16.93
N ALA A 81 -16.22 20.74 15.76
CA ALA A 81 -17.45 20.71 14.97
C ALA A 81 -17.75 19.33 14.38
N ASN A 82 -16.81 18.42 14.38
CA ASN A 82 -17.13 17.11 13.82
C ASN A 82 -17.65 16.13 14.87
N VAL A 83 -17.58 16.47 16.15
CA VAL A 83 -17.80 15.45 17.18
C VAL A 83 -19.26 15.06 17.25
N ALA A 84 -20.17 16.03 17.14
CA ALA A 84 -21.60 15.76 17.25
C ALA A 84 -22.21 15.02 16.04
N HIS A 85 -21.48 14.71 14.98
CA HIS A 85 -22.10 14.17 13.79
C HIS A 85 -21.66 12.74 13.55
N SER A 86 -22.65 11.84 13.34
CA SER A 86 -22.37 10.52 12.82
C SER A 86 -21.80 10.63 11.41
N VAL A 87 -21.25 9.53 10.94
CA VAL A 87 -20.71 9.42 9.59
C VAL A 87 -21.79 8.88 8.67
N TYR A 88 -22.02 9.57 7.55
CA TYR A 88 -22.94 9.07 6.54
C TYR A 88 -22.13 8.49 5.39
N VAL A 89 -22.46 7.25 5.03
CA VAL A 89 -21.68 6.45 4.10
C VAL A 89 -22.60 5.97 2.97
N LEU A 90 -22.15 6.08 1.74
CA LEU A 90 -22.90 5.56 0.60
C LEU A 90 -22.14 4.39 0.02
N GLU A 91 -22.90 3.36 -0.36
CA GLU A 91 -22.31 2.19 -0.98
C GLU A 91 -23.07 1.97 -2.29
N ASP A 92 -22.39 2.14 -3.41
CA ASP A 92 -22.96 1.86 -4.71
C ASP A 92 -22.49 0.46 -5.13
N SER A 93 -23.38 -0.30 -5.73
CA SER A 93 -23.01 -1.65 -6.17
C SER A 93 -23.66 -1.99 -7.50
N ILE A 94 -22.96 -2.86 -8.24
CA ILE A 94 -23.45 -3.46 -9.45
C ILE A 94 -23.33 -4.96 -9.24
N VAL A 95 -24.46 -5.67 -9.24
CA VAL A 95 -24.45 -7.13 -9.18
C VAL A 95 -24.72 -7.65 -10.58
N ASP A 96 -23.81 -8.51 -11.07
CA ASP A 96 -23.85 -9.05 -12.44
C ASP A 96 -23.91 -10.59 -12.40
N PRO A 97 -25.10 -11.19 -12.28
CA PRO A 97 -25.14 -12.66 -12.13
C PRO A 97 -24.67 -13.40 -13.35
N GLN A 98 -24.84 -12.83 -14.56
CA GLN A 98 -24.40 -13.55 -15.76
C GLN A 98 -22.89 -13.75 -15.76
N ASN A 99 -22.13 -12.87 -15.11
CA ASN A 99 -20.69 -13.00 -15.03
C ASN A 99 -20.23 -13.30 -13.61
N GLN A 100 -21.17 -13.56 -12.71
CA GLN A 100 -20.89 -13.91 -11.32
C GLN A 100 -19.88 -12.96 -10.71
N THR A 101 -20.20 -11.66 -10.79
CA THR A 101 -19.35 -10.66 -10.20
C THR A 101 -20.23 -9.58 -9.60
N MET A 102 -19.74 -9.01 -8.52
CA MET A 102 -20.32 -7.83 -7.93
C MET A 102 -19.21 -6.84 -7.64
N THR A 103 -19.47 -5.59 -7.93
CA THR A 103 -18.52 -4.48 -7.74
C THR A 103 -19.18 -3.48 -6.82
N THR A 104 -18.46 -3.03 -5.78
CA THR A 104 -18.99 -2.05 -4.84
C THR A 104 -18.07 -0.83 -4.73
N PHE A 105 -18.66 0.34 -4.46
CA PHE A 105 -17.86 1.55 -4.26
C PHE A 105 -18.44 2.31 -3.09
N THR A 106 -17.66 2.43 -2.02
CA THR A 106 -18.16 2.89 -0.73
C THR A 106 -17.35 4.09 -0.24
N TRP A 107 -18.03 5.11 0.27
CA TRP A 107 -17.32 6.35 0.67
C TRP A 107 -18.20 7.17 1.60
N ASN A 108 -17.55 7.99 2.42
CA ASN A 108 -18.26 8.85 3.35
C ASN A 108 -18.65 10.14 2.65
N ILE A 109 -19.89 10.57 2.87
CA ILE A 109 -20.38 11.77 2.21
C ILE A 109 -20.37 12.99 3.11
N ASN A 110 -20.04 12.84 4.41
CA ASN A 110 -19.90 13.98 5.30
C ASN A 110 -18.57 13.77 6.01
N HIS A 111 -18.23 14.67 6.92
CA HIS A 111 -16.88 14.76 7.47
C HIS A 111 -15.83 14.90 6.36
N ALA A 112 -16.21 15.38 5.18
CA ALA A 112 -15.35 15.22 4.02
C ALA A 112 -14.21 16.25 3.98
N ARG A 113 -14.29 17.33 4.75
CA ARG A 113 -13.12 18.20 4.85
C ARG A 113 -12.05 17.54 5.71
N LEU A 114 -12.45 16.67 6.64
CA LEU A 114 -11.47 16.06 7.55
C LEU A 114 -10.78 14.82 6.94
N MET A 115 -11.55 13.93 6.31
CA MET A 115 -10.94 12.85 5.54
C MET A 115 -11.99 12.23 4.64
N VAL A 116 -11.52 11.63 3.53
CA VAL A 116 -12.40 10.77 2.73
C VAL A 116 -11.73 9.42 2.58
N VAL A 117 -12.50 8.35 2.88
CA VAL A 117 -12.13 6.95 2.63
C VAL A 117 -13.06 6.44 1.52
N GLU A 118 -12.46 6.01 0.43
CA GLU A 118 -13.13 5.44 -0.71
C GLU A 118 -12.66 4.00 -0.85
N GLU A 119 -13.61 3.07 -0.95
CA GLU A 119 -13.24 1.65 -1.11
C GLU A 119 -13.92 1.10 -2.37
N ARG A 120 -13.14 0.46 -3.24
CA ARG A 120 -13.67 -0.20 -4.44
C ARG A 120 -13.37 -1.69 -4.34
N SER A 121 -14.42 -2.53 -4.29
CA SER A 121 -14.25 -3.97 -4.10
C SER A 121 -14.88 -4.74 -5.24
N VAL A 122 -14.24 -5.85 -5.63
CA VAL A 122 -14.77 -6.72 -6.67
C VAL A 122 -14.86 -8.12 -6.07
N TYR A 123 -16.06 -8.69 -6.11
CA TYR A 123 -16.32 -10.05 -5.64
C TYR A 123 -16.45 -10.94 -6.86
N SER A 124 -15.74 -12.08 -6.86
CA SER A 124 -15.84 -12.99 -7.98
C SER A 124 -15.58 -14.43 -7.52
N VAL A 125 -15.85 -15.38 -8.42
CA VAL A 125 -15.62 -16.78 -8.10
C VAL A 125 -14.13 -17.02 -7.96
N ASN A 126 -13.74 -17.70 -6.89
CA ASN A 126 -12.33 -17.92 -6.69
C ASN A 126 -11.79 -18.81 -7.81
N SER A 127 -10.58 -18.48 -8.29
CA SER A 127 -10.01 -19.16 -9.45
C SER A 127 -9.62 -20.60 -9.14
N ASP A 128 -9.26 -20.89 -7.87
CA ASP A 128 -8.82 -22.23 -7.47
C ASP A 128 -9.98 -23.14 -7.05
N ASN A 129 -11.05 -22.62 -6.44
CA ASN A 129 -12.17 -23.48 -6.08
C ASN A 129 -13.52 -22.83 -6.36
N SER A 130 -14.34 -23.57 -7.11
CA SER A 130 -15.67 -23.13 -7.51
C SER A 130 -16.62 -22.86 -6.34
N GLY A 131 -16.39 -23.47 -5.18
CA GLY A 131 -17.21 -23.15 -4.02
C GLY A 131 -16.71 -21.99 -3.15
N TRP A 132 -15.68 -21.29 -3.58
CA TRP A 132 -15.19 -20.11 -2.85
C TRP A 132 -15.38 -18.84 -3.67
N THR A 133 -15.30 -17.72 -2.96
CA THR A 133 -15.52 -16.39 -3.52
C THR A 133 -14.33 -15.52 -3.13
N GLU A 134 -13.73 -14.85 -4.08
CA GLU A 134 -12.62 -14.00 -3.70
C GLU A 134 -13.03 -12.54 -3.79
N ILE A 135 -12.33 -11.72 -3.00
CA ILE A 135 -12.64 -10.30 -2.91
C ILE A 135 -11.34 -9.56 -3.13
N ARG A 136 -11.35 -8.68 -4.08
CA ARG A 136 -10.23 -7.77 -4.35
C ARG A 136 -10.65 -6.38 -3.86
N ARG A 137 -9.95 -5.87 -2.86
CA ARG A 137 -10.38 -4.69 -2.14
C ARG A 137 -9.33 -3.60 -2.33
N GLU A 138 -9.70 -2.46 -2.94
CA GLU A 138 -8.83 -1.29 -3.05
C GLU A 138 -9.40 -0.15 -2.23
N ALA A 139 -8.51 0.69 -1.68
CA ALA A 139 -9.01 1.81 -0.90
C ALA A 139 -8.08 3.00 -1.04
N TRP A 140 -8.65 4.20 -0.94
CA TRP A 140 -7.90 5.46 -0.97
C TRP A 140 -8.30 6.29 0.25
N VAL A 141 -7.31 6.67 1.06
CA VAL A 141 -7.56 7.47 2.24
C VAL A 141 -6.97 8.87 1.96
N SER A 142 -7.82 9.89 1.89
CA SER A 142 -7.28 11.22 1.56
C SER A 142 -7.75 12.24 2.59
N SER A 143 -7.06 13.38 2.67
CA SER A 143 -7.49 14.41 3.59
C SER A 143 -7.27 15.75 2.94
N SER A 144 -8.30 16.60 2.92
CA SER A 144 -8.10 17.96 2.45
C SER A 144 -7.22 18.79 3.39
N LEU A 145 -6.86 18.25 4.57
CA LEU A 145 -5.93 18.97 5.46
C LEU A 145 -4.56 19.18 4.85
N PHE A 146 -4.13 18.33 3.91
CA PHE A 146 -2.87 18.58 3.27
C PHE A 146 -2.93 19.87 2.44
N GLY A 147 -4.02 20.08 1.70
CA GLY A 147 -4.22 21.29 0.93
C GLY A 147 -4.38 22.52 1.80
N VAL A 148 -5.01 22.35 2.96
CA VAL A 148 -5.07 23.40 3.98
C VAL A 148 -3.67 23.73 4.49
N SER A 149 -2.84 22.72 4.80
CA SER A 149 -1.50 22.98 5.29
C SER A 149 -0.72 23.80 4.28
N ARG A 150 -0.82 23.41 3.00
CA ARG A 150 -0.11 24.15 1.96
C ARG A 150 -0.67 25.57 1.82
N ALA A 151 -1.98 25.74 1.96
CA ALA A 151 -2.54 27.08 1.81
C ALA A 151 -2.11 28.00 2.95
N VAL A 152 -2.06 27.48 4.17
CA VAL A 152 -1.59 28.23 5.33
C VAL A 152 -0.14 28.66 5.11
N GLN A 153 0.67 27.70 4.66
CA GLN A 153 2.07 27.98 4.35
C GLN A 153 2.20 29.05 3.26
N GLU A 154 1.38 28.98 2.22
CA GLU A 154 1.44 29.98 1.15
C GLU A 154 1.01 31.36 1.64
N PHE A 155 0.01 31.44 2.54
CA PHE A 155 -0.39 32.74 3.06
C PHE A 155 0.68 33.30 4.00
N GLY A 156 1.34 32.42 4.78
CA GLY A 156 2.45 32.83 5.62
C GLY A 156 3.59 33.41 4.79
N LEU A 157 3.97 32.72 3.71
CA LEU A 157 5.02 33.26 2.83
C LEU A 157 4.62 34.58 2.19
N ALA A 158 3.39 34.68 1.67
CA ALA A 158 2.96 35.92 1.04
C ALA A 158 2.98 37.07 2.03
N ARG A 159 2.51 36.85 3.27
CA ARG A 159 2.49 37.90 4.27
C ARG A 159 3.91 38.29 4.69
N PHE A 160 4.79 37.29 4.83
CA PHE A 160 6.20 37.55 5.05
C PHE A 160 6.80 38.48 3.96
N LYS A 161 6.58 38.16 2.69
CA LYS A 161 7.12 39.02 1.63
C LYS A 161 6.58 40.45 1.72
N SER A 162 5.30 40.57 2.02
CA SER A 162 4.67 41.86 2.19
C SER A 162 5.26 42.62 3.38
N ASN A 163 5.50 41.94 4.51
CA ASN A 163 6.20 42.56 5.63
C ASN A 163 7.65 42.94 5.29
N VAL A 164 8.35 42.17 4.44
CA VAL A 164 9.70 42.57 4.04
C VAL A 164 9.66 43.91 3.30
N THR A 165 8.69 44.06 2.39
CA THR A 165 8.53 45.33 1.67
C THR A 165 8.27 46.48 2.64
N LYS A 166 7.38 46.25 3.61
CA LYS A 166 7.06 47.26 4.60
C LYS A 166 8.25 47.56 5.50
N THR A 167 9.01 46.52 5.86
CA THR A 167 10.23 46.73 6.64
C THR A 167 11.21 47.64 5.89
N MET A 168 11.43 47.36 4.61
CA MET A 168 12.38 48.14 3.81
C MET A 168 11.91 49.56 3.58
N LYS A 169 10.63 49.74 3.22
CA LYS A 169 10.08 51.09 3.09
C LYS A 169 10.17 51.84 4.42
N GLY A 170 9.89 51.16 5.52
CA GLY A 170 10.06 51.75 6.83
C GLY A 170 11.50 52.19 7.09
N PHE A 171 12.47 51.34 6.71
CA PHE A 171 13.87 51.75 6.85
C PHE A 171 14.14 53.00 6.05
N GLU A 172 13.68 53.01 4.80
CA GLU A 172 13.93 54.15 3.94
C GLU A 172 13.26 55.42 4.49
N TYR A 173 12.06 55.28 5.05
CA TYR A 173 11.44 56.43 5.70
C TYR A 173 12.29 56.95 6.84
N ILE A 174 12.72 56.06 7.74
CA ILE A 174 13.43 56.58 8.89
C ILE A 174 14.86 57.04 8.54
N LEU A 175 15.57 56.36 7.61
CA LEU A 175 16.89 56.85 7.22
C LEU A 175 16.81 58.30 6.77
N ALA A 176 15.82 58.61 5.92
CA ALA A 176 15.63 59.97 5.41
C ALA A 176 15.22 60.93 6.51
N LYS A 177 14.44 60.48 7.49
CA LYS A 177 14.15 61.34 8.63
C LYS A 177 15.40 61.57 9.50
N LEU A 178 16.30 60.57 9.59
CA LEU A 178 17.54 60.75 10.36
C LEU A 178 18.59 61.55 9.63
N GLN A 179 18.75 61.36 8.30
CA GLN A 179 19.74 62.09 7.52
C GLN A 179 19.31 63.53 7.29
N GLY A 180 18.16 63.96 7.82
CA GLY A 180 17.73 65.33 7.73
C GLY A 180 17.87 66.07 9.06
N GLU A 181 18.67 65.53 9.97
CA GLU A 181 18.97 66.19 11.23
C GLU A 181 20.34 65.72 11.73
N ALA A 182 21.12 66.66 12.29
CA ALA A 182 22.48 66.35 12.70
C ALA A 182 23.07 67.42 13.59
N GLN B 9 8.24 13.31 1.78
CA GLN B 9 8.35 12.01 1.15
C GLN B 9 9.16 12.11 -0.14
N MET B 10 10.48 12.08 -0.04
CA MET B 10 11.18 11.55 -1.20
C MET B 10 11.26 10.03 -1.17
N VAL B 11 11.16 9.41 -0.02
CA VAL B 11 11.23 7.95 0.09
C VAL B 11 9.80 7.41 0.16
N LYS B 12 9.49 6.44 -0.69
CA LYS B 12 8.20 5.78 -0.71
C LYS B 12 8.23 4.65 0.31
N TYR B 13 7.27 4.62 1.22
CA TYR B 13 7.19 3.59 2.25
C TYR B 13 6.01 2.65 1.99
N PHE B 14 6.26 1.36 2.17
CA PHE B 14 5.31 0.29 1.86
C PHE B 14 5.11 -0.49 3.13
N LEU B 15 3.86 -0.84 3.45
CA LEU B 15 3.63 -1.77 4.54
C LEU B 15 2.62 -2.84 4.10
N GLY B 16 2.93 -4.10 4.39
CA GLY B 16 2.25 -5.26 3.82
C GLY B 16 2.17 -6.40 4.82
N GLN B 17 1.21 -7.29 4.58
CA GLN B 17 0.97 -8.45 5.45
C GLN B 17 0.50 -9.60 4.58
N SER B 18 1.01 -10.79 4.88
CA SER B 18 0.79 -12.03 4.13
C SER B 18 0.59 -13.14 5.16
N VAL B 19 -0.12 -14.19 4.74
CA VAL B 19 -0.26 -15.42 5.54
C VAL B 19 0.12 -16.59 4.64
N LEU B 20 1.04 -17.45 5.13
CA LEU B 20 1.37 -18.73 4.50
C LEU B 20 0.66 -19.80 5.33
N ARG B 21 -0.23 -20.55 4.68
CA ARG B 21 -1.03 -21.61 5.28
C ARG B 21 -0.18 -22.88 5.50
N SER B 22 1.00 -22.67 6.09
CA SER B 22 1.96 -23.70 6.49
C SER B 22 2.59 -23.30 7.81
N SER B 23 3.12 -24.30 8.52
CA SER B 23 3.62 -24.05 9.87
C SER B 23 4.96 -23.36 9.81
N TRP B 24 5.30 -22.70 10.91
CA TRP B 24 6.48 -21.83 10.92
C TRP B 24 7.74 -22.60 10.58
N ASP B 25 7.83 -23.87 11.05
CA ASP B 25 9.05 -24.63 10.80
C ASP B 25 9.18 -25.03 9.33
N GLN B 26 8.05 -25.35 8.67
CA GLN B 26 8.06 -25.60 7.23
C GLN B 26 8.48 -24.34 6.45
N VAL B 27 7.88 -23.20 6.77
CA VAL B 27 8.22 -21.94 6.10
C VAL B 27 9.71 -21.61 6.28
N PHE B 28 10.24 -21.73 7.51
CA PHE B 28 11.64 -21.39 7.72
C PHE B 28 12.56 -22.28 6.89
N ALA B 29 12.28 -23.61 6.84
CA ALA B 29 13.01 -24.51 5.95
C ALA B 29 12.83 -24.11 4.48
N ALA B 30 11.60 -23.80 4.06
CA ALA B 30 11.37 -23.49 2.66
C ALA B 30 12.12 -22.22 2.26
N PHE B 31 12.40 -21.35 3.24
CA PHE B 31 13.12 -20.10 2.97
C PHE B 31 14.41 -20.38 2.23
N TRP B 32 15.12 -21.43 2.62
CA TRP B 32 16.43 -21.75 2.07
C TRP B 32 16.36 -22.61 0.84
N GLN B 33 15.19 -23.14 0.49
CA GLN B 33 15.05 -24.03 -0.64
C GLN B 33 14.11 -23.45 -1.68
N ARG B 34 13.73 -22.18 -1.57
CA ARG B 34 12.66 -21.74 -2.46
C ARG B 34 13.14 -21.45 -3.89
N TYR B 35 14.45 -21.30 -4.11
CA TYR B 35 14.98 -21.09 -5.45
C TYR B 35 15.64 -22.39 -5.89
N PRO B 36 15.46 -22.80 -7.15
CA PRO B 36 14.63 -22.13 -8.16
C PRO B 36 13.17 -22.57 -8.04
N ASN B 37 12.26 -21.79 -8.60
CA ASN B 37 10.86 -22.16 -8.61
C ASN B 37 10.29 -21.53 -9.87
N PRO B 38 9.07 -21.90 -10.26
CA PRO B 38 8.55 -21.38 -11.53
C PRO B 38 8.36 -19.86 -11.57
N TYR B 39 8.40 -19.16 -10.43
CA TYR B 39 8.20 -17.72 -10.35
C TYR B 39 9.49 -16.94 -10.14
N SER B 40 10.65 -17.61 -10.28
CA SER B 40 11.95 -17.06 -9.93
C SER B 40 12.93 -17.04 -11.10
N LYS B 41 12.43 -17.02 -12.35
CA LYS B 41 13.32 -17.05 -13.51
C LYS B 41 14.25 -15.84 -13.51
N HIS B 42 13.80 -14.71 -12.96
CA HIS B 42 14.64 -13.51 -12.87
C HIS B 42 15.73 -13.65 -11.83
N VAL B 43 15.71 -14.71 -11.01
CA VAL B 43 16.77 -14.95 -10.05
C VAL B 43 17.79 -15.87 -10.70
N LEU B 44 18.99 -15.34 -10.97
CA LEU B 44 20.01 -16.10 -11.71
C LEU B 44 21.00 -16.87 -10.84
N THR B 45 21.38 -16.33 -9.68
CA THR B 45 22.50 -16.80 -8.87
C THR B 45 22.04 -16.73 -7.43
N GLU B 46 22.55 -17.64 -6.60
CA GLU B 46 22.25 -17.63 -5.18
C GLU B 46 23.47 -18.15 -4.41
N ASP B 47 23.92 -17.42 -3.39
CA ASP B 47 25.02 -17.91 -2.57
C ASP B 47 24.84 -17.49 -1.13
N ILE B 48 25.30 -18.32 -0.21
CA ILE B 48 25.48 -17.89 1.18
C ILE B 48 26.88 -17.32 1.25
N VAL B 49 27.01 -16.06 1.67
CA VAL B 49 28.33 -15.46 1.79
C VAL B 49 28.72 -15.23 3.22
N HIS B 50 27.83 -15.50 4.16
CA HIS B 50 28.20 -15.52 5.56
C HIS B 50 27.13 -16.32 6.29
N ARG B 51 27.54 -17.06 7.32
CA ARG B 51 26.55 -17.80 8.13
C ARG B 51 27.17 -18.19 9.46
N GLU B 52 26.50 -17.85 10.57
CA GLU B 52 26.95 -18.34 11.88
C GLU B 52 25.76 -18.56 12.83
N VAL B 53 25.97 -19.40 13.82
CA VAL B 53 25.05 -19.58 14.93
C VAL B 53 25.55 -18.78 16.13
N THR B 54 24.70 -17.94 16.70
CA THR B 54 25.11 -17.10 17.82
C THR B 54 25.02 -17.88 19.12
N PRO B 55 25.57 -17.35 20.22
CA PRO B 55 25.48 -18.07 21.51
C PRO B 55 24.05 -18.31 21.96
N ASP B 56 23.14 -17.36 21.69
CA ASP B 56 21.72 -17.51 22.04
C ASP B 56 20.95 -18.34 21.00
N GLN B 57 21.69 -19.08 20.15
CA GLN B 57 21.13 -20.04 19.20
C GLN B 57 20.29 -19.37 18.11
N LYS B 58 20.77 -18.23 17.59
CA LYS B 58 20.21 -17.56 16.43
C LYS B 58 21.10 -17.81 15.22
N LEU B 59 20.49 -18.08 14.07
CA LEU B 59 21.26 -18.29 12.84
C LEU B 59 21.34 -16.98 12.08
N LEU B 60 22.56 -16.53 11.83
CA LEU B 60 22.80 -15.28 11.09
C LEU B 60 23.28 -15.67 9.72
N SER B 61 22.61 -15.19 8.69
CA SER B 61 23.02 -15.54 7.33
C SER B 61 23.00 -14.29 6.48
N ARG B 62 23.91 -14.23 5.51
CA ARG B 62 23.86 -13.23 4.46
C ARG B 62 23.85 -13.98 3.13
N ARG B 63 22.80 -13.76 2.35
CA ARG B 63 22.64 -14.45 1.08
C ARG B 63 22.75 -13.45 -0.05
N LEU B 64 23.52 -13.80 -1.08
CA LEU B 64 23.73 -12.96 -2.25
C LEU B 64 22.95 -13.52 -3.42
N LEU B 65 22.09 -12.71 -4.02
CA LEU B 65 21.40 -13.06 -5.26
C LEU B 65 21.87 -12.15 -6.39
N THR B 66 22.01 -12.70 -7.59
CA THR B 66 22.04 -11.85 -8.77
C THR B 66 20.73 -12.04 -9.52
N LYS B 67 20.14 -10.91 -9.96
CA LYS B 67 18.85 -10.92 -10.61
C LYS B 67 18.92 -10.15 -11.92
N THR B 68 18.06 -10.52 -12.85
CA THR B 68 18.03 -9.80 -14.10
C THR B 68 17.60 -8.36 -13.86
N ASN B 69 18.15 -7.46 -14.66
CA ASN B 69 17.76 -6.05 -14.65
C ASN B 69 16.65 -5.93 -15.68
N ARG B 70 15.44 -5.63 -15.25
CA ARG B 70 14.36 -5.50 -16.21
C ARG B 70 13.75 -4.13 -15.98
N MET B 71 13.90 -3.29 -16.97
CA MET B 71 13.55 -1.89 -16.84
C MET B 71 12.58 -1.54 -17.93
N PRO B 72 11.60 -0.70 -17.67
CA PRO B 72 10.76 -0.25 -18.78
C PRO B 72 11.62 0.42 -19.82
N ARG B 73 11.12 0.41 -21.06
CA ARG B 73 11.90 0.94 -22.16
C ARG B 73 12.31 2.39 -21.91
N TRP B 74 11.43 3.22 -21.33
CA TRP B 74 11.81 4.64 -21.17
C TRP B 74 13.02 4.77 -20.28
N ALA B 75 13.12 3.92 -19.24
CA ALA B 75 14.27 4.01 -18.36
C ALA B 75 15.52 3.42 -19.01
N GLU B 76 15.36 2.49 -19.95
CA GLU B 76 16.52 2.04 -20.69
C GLU B 76 17.08 3.18 -21.52
N ARG B 77 16.22 4.00 -22.13
CA ARG B 77 16.72 5.10 -22.95
C ARG B 77 17.35 6.17 -22.07
N LEU B 78 16.80 6.41 -20.90
CA LEU B 78 17.34 7.44 -20.02
C LEU B 78 18.61 6.98 -19.29
N PHE B 79 18.73 5.69 -18.96
CA PHE B 79 19.80 5.16 -18.14
C PHE B 79 20.57 4.08 -18.90
N PRO B 80 21.18 4.45 -20.06
CA PRO B 80 21.87 3.46 -20.89
C PRO B 80 22.97 2.70 -20.18
N ALA B 81 23.71 3.37 -19.31
CA ALA B 81 24.80 2.71 -18.61
C ALA B 81 24.32 1.67 -17.60
N ASN B 82 23.05 1.68 -17.23
CA ASN B 82 22.54 0.66 -16.30
C ASN B 82 21.97 -0.58 -17.00
N VAL B 83 21.71 -0.51 -18.31
CA VAL B 83 20.94 -1.58 -18.97
C VAL B 83 21.73 -2.90 -18.96
N ALA B 84 23.04 -2.83 -19.16
CA ALA B 84 23.84 -4.04 -19.32
C ALA B 84 24.00 -4.85 -18.04
N HIS B 85 23.73 -4.30 -16.87
CA HIS B 85 24.19 -4.86 -15.62
C HIS B 85 23.05 -5.58 -14.90
N SER B 86 23.33 -6.78 -14.41
CA SER B 86 22.42 -7.44 -13.48
C SER B 86 22.36 -6.68 -12.16
N VAL B 87 21.36 -7.03 -11.34
CA VAL B 87 21.14 -6.41 -10.03
C VAL B 87 21.71 -7.35 -9.00
N TYR B 88 22.53 -6.84 -8.08
CA TYR B 88 23.06 -7.67 -7.00
C TYR B 88 22.33 -7.33 -5.71
N VAL B 89 21.88 -8.36 -4.99
CA VAL B 89 20.99 -8.16 -3.86
C VAL B 89 21.55 -8.92 -2.68
N LEU B 90 21.65 -8.25 -1.52
CA LEU B 90 21.96 -8.93 -0.27
C LEU B 90 20.69 -9.11 0.57
N GLU B 91 20.61 -10.25 1.24
CA GLU B 91 19.53 -10.59 2.14
C GLU B 91 20.19 -11.04 3.44
N ASP B 92 20.06 -10.20 4.48
CA ASP B 92 20.53 -10.58 5.80
C ASP B 92 19.37 -11.20 6.54
N SER B 93 19.63 -12.22 7.36
CA SER B 93 18.52 -12.79 8.10
C SER B 93 18.95 -13.28 9.48
N ILE B 94 17.98 -13.30 10.39
CA ILE B 94 18.15 -13.85 11.73
C ILE B 94 17.01 -14.84 11.89
N VAL B 95 17.35 -16.12 12.02
CA VAL B 95 16.38 -17.17 12.33
C VAL B 95 16.51 -17.50 13.79
N ASP B 96 15.37 -17.45 14.53
CA ASP B 96 15.31 -17.67 15.98
C ASP B 96 14.28 -18.75 16.31
N PRO B 97 14.70 -20.02 16.37
CA PRO B 97 13.71 -21.07 16.63
C PRO B 97 13.09 -20.95 18.01
N GLN B 98 13.80 -20.37 18.98
CA GLN B 98 13.26 -20.39 20.32
C GLN B 98 12.00 -19.55 20.42
N ASN B 99 11.93 -18.47 19.63
CA ASN B 99 10.78 -17.59 19.58
C ASN B 99 10.00 -17.75 18.29
N GLN B 100 10.34 -18.74 17.47
CA GLN B 100 9.62 -19.00 16.24
C GLN B 100 9.47 -17.72 15.41
N THR B 101 10.60 -17.02 15.21
CA THR B 101 10.59 -15.84 14.39
C THR B 101 11.81 -15.83 13.51
N MET B 102 11.62 -15.22 12.36
CA MET B 102 12.69 -14.93 11.43
C MET B 102 12.54 -13.48 10.96
N THR B 103 13.66 -12.75 10.93
CA THR B 103 13.69 -11.35 10.47
C THR B 103 14.63 -11.24 9.29
N THR B 104 14.20 -10.57 8.21
CA THR B 104 15.07 -10.45 7.05
C THR B 104 15.21 -8.97 6.64
N PHE B 105 16.38 -8.63 6.10
CA PHE B 105 16.62 -7.31 5.50
C PHE B 105 17.29 -7.47 4.13
N THR B 106 16.60 -7.02 3.07
CA THR B 106 17.02 -7.26 1.69
C THR B 106 17.17 -5.94 0.94
N TRP B 107 18.27 -5.78 0.20
CA TRP B 107 18.47 -4.52 -0.55
C TRP B 107 19.46 -4.74 -1.66
N ASN B 108 19.32 -3.92 -2.72
CA ASN B 108 20.27 -3.99 -3.83
C ASN B 108 21.54 -3.23 -3.46
N ILE B 109 22.67 -3.80 -3.86
CA ILE B 109 23.95 -3.20 -3.56
C ILE B 109 24.58 -2.57 -4.80
N ASN B 110 24.00 -2.74 -5.99
CA ASN B 110 24.47 -1.98 -7.16
C ASN B 110 23.27 -1.27 -7.78
N HIS B 111 23.47 -0.58 -8.91
CA HIS B 111 22.46 0.38 -9.42
C HIS B 111 22.03 1.40 -8.36
N ALA B 112 22.87 1.67 -7.36
CA ALA B 112 22.40 2.37 -6.18
C ALA B 112 22.17 3.85 -6.42
N ARG B 113 22.84 4.44 -7.42
CA ARG B 113 22.54 5.83 -7.80
C ARG B 113 21.14 5.95 -8.41
N LEU B 114 20.74 4.94 -9.16
CA LEU B 114 19.44 5.00 -9.80
C LEU B 114 18.31 4.78 -8.80
N MET B 115 18.40 3.71 -7.99
CA MET B 115 17.37 3.50 -6.98
C MET B 115 17.84 2.47 -5.96
N VAL B 116 17.34 2.60 -4.73
CA VAL B 116 17.55 1.59 -3.70
C VAL B 116 16.19 1.17 -3.18
N VAL B 117 15.96 -0.16 -3.17
CA VAL B 117 14.76 -0.77 -2.60
C VAL B 117 15.25 -1.59 -1.42
N GLU B 118 14.74 -1.30 -0.25
CA GLU B 118 15.08 -1.99 0.97
C GLU B 118 13.82 -2.61 1.51
N GLU B 119 13.89 -3.88 1.95
CA GLU B 119 12.74 -4.60 2.51
C GLU B 119 13.14 -5.21 3.85
N ARG B 120 12.30 -4.98 4.87
CA ARG B 120 12.49 -5.62 6.17
C ARG B 120 11.25 -6.45 6.42
N SER B 121 11.44 -7.77 6.60
CA SER B 121 10.31 -8.68 6.83
C SER B 121 10.48 -9.40 8.15
N VAL B 122 9.33 -9.73 8.79
CA VAL B 122 9.27 -10.54 9.99
C VAL B 122 8.30 -11.70 9.78
N TYR B 123 8.77 -12.92 10.03
CA TYR B 123 7.98 -14.14 9.90
C TYR B 123 7.73 -14.66 11.31
N SER B 124 6.47 -14.97 11.60
CA SER B 124 6.10 -15.41 12.93
C SER B 124 4.88 -16.33 12.83
N VAL B 125 4.59 -17.02 13.93
CA VAL B 125 3.40 -17.90 13.98
C VAL B 125 2.15 -17.04 13.80
N ASN B 126 1.26 -17.46 12.89
CA ASN B 126 0.02 -16.74 12.67
C ASN B 126 -0.75 -16.63 13.99
N SER B 127 -1.19 -15.43 14.34
CA SER B 127 -1.85 -15.30 15.65
C SER B 127 -3.22 -15.96 15.67
N ASP B 128 -3.88 -16.06 14.52
CA ASP B 128 -5.18 -16.74 14.47
C ASP B 128 -5.07 -18.24 14.35
N ASN B 129 -3.94 -18.78 13.92
CA ASN B 129 -3.89 -20.21 13.61
C ASN B 129 -2.44 -20.66 13.81
N SER B 130 -2.21 -21.43 14.86
CA SER B 130 -0.87 -21.89 15.24
C SER B 130 -0.21 -22.76 14.16
N GLY B 131 -0.97 -23.32 13.20
CA GLY B 131 -0.44 -24.10 12.08
C GLY B 131 0.00 -23.27 10.87
N TRP B 132 -0.14 -21.94 10.95
CA TRP B 132 0.14 -21.05 9.84
C TRP B 132 1.16 -19.99 10.24
N THR B 133 1.60 -19.20 9.24
CA THR B 133 2.72 -18.31 9.41
C THR B 133 2.32 -16.95 8.83
N GLU B 134 2.47 -15.90 9.60
CA GLU B 134 2.23 -14.56 9.06
C GLU B 134 3.56 -13.87 8.74
N ILE B 135 3.50 -12.96 7.75
CA ILE B 135 4.66 -12.21 7.30
C ILE B 135 4.27 -10.72 7.33
N ARG B 136 5.01 -9.94 8.09
CA ARG B 136 4.85 -8.50 8.13
C ARG B 136 6.04 -7.92 7.37
N ARG B 137 5.76 -7.12 6.34
CA ARG B 137 6.73 -6.72 5.33
C ARG B 137 6.73 -5.20 5.23
N GLU B 138 7.90 -4.57 5.39
CA GLU B 138 8.09 -3.12 5.24
C GLU B 138 9.10 -2.90 4.12
N ALA B 139 8.87 -1.89 3.29
CA ALA B 139 9.82 -1.59 2.22
C ALA B 139 9.94 -0.06 2.03
N TRP B 140 11.13 0.36 1.61
CA TRP B 140 11.44 1.78 1.32
C TRP B 140 12.07 1.85 -0.07
N VAL B 141 11.51 2.69 -0.94
CA VAL B 141 12.01 2.88 -2.30
C VAL B 141 12.56 4.32 -2.39
N SER B 142 13.83 4.45 -2.66
CA SER B 142 14.47 5.77 -2.66
C SER B 142 15.26 5.90 -3.94
N SER B 143 15.55 7.14 -4.36
CA SER B 143 16.36 7.36 -5.56
C SER B 143 17.23 8.60 -5.37
N SER B 144 18.54 8.47 -5.56
CA SER B 144 19.39 9.66 -5.47
C SER B 144 19.08 10.69 -6.56
N LEU B 145 18.22 10.35 -7.51
CA LEU B 145 17.88 11.29 -8.57
C LEU B 145 17.12 12.51 -8.04
N PHE B 146 16.43 12.41 -6.90
CA PHE B 146 15.81 13.60 -6.31
C PHE B 146 16.88 14.61 -5.93
N GLY B 147 17.98 14.15 -5.31
CA GLY B 147 19.09 15.06 -5.04
C GLY B 147 19.73 15.62 -6.30
N VAL B 148 19.82 14.81 -7.36
CA VAL B 148 20.35 15.32 -8.63
C VAL B 148 19.43 16.40 -9.22
N SER B 149 18.12 16.16 -9.25
CA SER B 149 17.21 17.20 -9.70
C SER B 149 17.39 18.51 -8.94
N ARG B 150 17.55 18.45 -7.62
CA ARG B 150 17.76 19.67 -6.83
C ARG B 150 19.08 20.33 -7.19
N ALA B 151 20.15 19.55 -7.35
CA ALA B 151 21.44 20.13 -7.73
C ALA B 151 21.36 20.81 -9.09
N VAL B 152 20.63 20.21 -10.03
CA VAL B 152 20.50 20.80 -11.36
C VAL B 152 19.71 22.11 -11.28
N GLN B 153 18.64 22.12 -10.49
CA GLN B 153 17.87 23.34 -10.29
C GLN B 153 18.67 24.45 -9.63
N GLU B 154 19.47 24.10 -8.62
CA GLU B 154 20.29 25.08 -7.93
C GLU B 154 21.36 25.66 -8.86
N PHE B 155 21.99 24.81 -9.67
CA PHE B 155 22.90 25.28 -10.69
C PHE B 155 22.20 26.21 -11.68
N GLY B 156 21.00 25.83 -12.16
CA GLY B 156 20.24 26.66 -13.11
C GLY B 156 19.94 28.05 -12.52
N LEU B 157 19.56 28.08 -11.24
CA LEU B 157 19.22 29.34 -10.60
C LEU B 157 20.46 30.20 -10.40
N ALA B 158 21.56 29.58 -9.96
CA ALA B 158 22.83 30.29 -9.81
C ALA B 158 23.27 30.87 -11.13
N ARG B 159 23.18 30.09 -12.21
CA ARG B 159 23.61 30.65 -13.49
C ARG B 159 22.69 31.79 -13.94
N PHE B 160 21.37 31.60 -13.77
CA PHE B 160 20.44 32.68 -14.07
C PHE B 160 20.78 33.98 -13.30
N LYS B 161 21.06 33.87 -12.01
CA LYS B 161 21.32 35.09 -11.24
C LYS B 161 22.61 35.75 -11.71
N SER B 162 23.62 34.93 -11.97
CA SER B 162 24.87 35.46 -12.50
C SER B 162 24.66 36.15 -13.85
N ASN B 163 23.79 35.57 -14.72
CA ASN B 163 23.52 36.17 -16.02
C ASN B 163 22.68 37.44 -15.90
N VAL B 164 21.82 37.54 -14.86
CA VAL B 164 21.13 38.80 -14.64
C VAL B 164 22.16 39.93 -14.40
N THR B 165 23.17 39.67 -13.55
CA THR B 165 24.22 40.65 -13.30
C THR B 165 24.93 41.03 -14.59
N LYS B 166 25.28 40.01 -15.40
CA LYS B 166 25.88 40.29 -16.69
C LYS B 166 24.94 41.07 -17.61
N THR B 167 23.65 40.73 -17.60
CA THR B 167 22.68 41.48 -18.38
C THR B 167 22.69 42.98 -17.98
N MET B 168 22.63 43.28 -16.68
CA MET B 168 22.48 44.67 -16.25
C MET B 168 23.77 45.46 -16.48
N LYS B 169 24.92 44.86 -16.16
CA LYS B 169 26.20 45.48 -16.47
C LYS B 169 26.31 45.74 -17.97
N GLY B 170 25.80 44.82 -18.80
CA GLY B 170 25.84 45.02 -20.23
C GLY B 170 24.97 46.19 -20.67
N PHE B 171 23.74 46.26 -20.12
CA PHE B 171 22.87 47.41 -20.33
C PHE B 171 23.58 48.71 -19.95
N GLU B 172 24.21 48.76 -18.77
CA GLU B 172 24.86 50.00 -18.35
C GLU B 172 25.99 50.39 -19.30
N TYR B 173 26.77 49.40 -19.73
CA TYR B 173 27.83 49.59 -20.70
C TYR B 173 27.30 50.25 -21.97
N ILE B 174 26.24 49.69 -22.56
CA ILE B 174 25.77 50.21 -23.84
C ILE B 174 25.05 51.55 -23.65
N LEU B 175 24.29 51.72 -22.57
CA LEU B 175 23.71 53.03 -22.34
C LEU B 175 24.81 54.13 -22.17
N ALA B 176 25.88 53.85 -21.39
CA ALA B 176 26.94 54.87 -21.25
C ALA B 176 27.55 55.18 -22.60
N LYS B 177 27.72 54.15 -23.42
CA LYS B 177 28.31 54.31 -24.73
C LYS B 177 27.40 55.11 -25.65
N LEU B 178 26.09 54.90 -25.53
CA LEU B 178 25.12 55.61 -26.36
C LEU B 178 24.86 57.04 -25.90
N GLN B 179 25.13 57.38 -24.64
CA GLN B 179 24.85 58.71 -24.11
C GLN B 179 26.07 59.57 -24.42
N GLY B 180 25.99 60.30 -25.54
CA GLY B 180 27.14 61.01 -26.08
C GLY B 180 27.67 60.44 -27.38
N GLU B 181 27.07 59.35 -27.88
CA GLU B 181 27.37 58.79 -29.20
C GLU B 181 28.81 58.33 -29.34
N ASP C 1 -32.06 -7.51 15.86
CA ASP C 1 -31.77 -8.57 14.90
C ASP C 1 -32.11 -8.17 13.43
N LYS C 2 -32.82 -7.05 13.26
CA LYS C 2 -33.01 -6.38 11.98
C LYS C 2 -32.50 -4.93 12.09
N MET C 3 -32.15 -4.30 10.95
CA MET C 3 -31.60 -2.94 11.00
C MET C 3 -32.68 -1.87 11.06
N ASN C 4 -32.34 -0.76 11.71
CA ASN C 4 -33.21 0.41 11.67
C ASN C 4 -32.99 1.18 10.40
N SER C 5 -34.05 1.85 9.95
CA SER C 5 -33.95 2.81 8.87
C SER C 5 -33.51 4.17 9.43
N VAL C 6 -32.81 4.97 8.60
CA VAL C 6 -32.50 6.33 9.02
C VAL C 6 -33.76 7.11 9.32
N GLY C 7 -34.90 6.73 8.72
CA GLY C 7 -36.17 7.33 9.04
C GLY C 7 -36.91 6.47 10.04
N GLU C 8 -37.26 7.06 11.18
CA GLU C 8 -37.88 6.36 12.31
C GLU C 8 -39.20 5.70 11.91
N ALA C 9 -40.01 6.38 11.10
CA ALA C 9 -41.29 5.83 10.67
C ALA C 9 -41.17 4.79 9.57
N CYS C 10 -39.96 4.54 9.05
CA CYS C 10 -39.78 3.76 7.84
C CYS C 10 -39.31 2.33 8.09
N THR C 11 -38.99 1.99 9.34
CA THR C 11 -38.21 0.78 9.60
C THR C 11 -39.00 -0.50 9.29
N ASP C 12 -40.29 -0.53 9.62
CA ASP C 12 -41.08 -1.71 9.30
C ASP C 12 -41.24 -1.86 7.79
N MET C 13 -41.51 -0.76 7.10
CA MET C 13 -41.53 -0.77 5.64
C MET C 13 -40.22 -1.26 5.06
N LYS C 14 -39.09 -0.73 5.56
CA LYS C 14 -37.78 -1.24 5.16
C LYS C 14 -37.68 -2.75 5.37
N ARG C 15 -38.10 -3.23 6.55
CA ARG C 15 -37.92 -4.64 6.84
C ARG C 15 -38.76 -5.53 5.93
N GLU C 16 -39.99 -5.12 5.66
CA GLU C 16 -40.85 -5.90 4.77
C GLU C 16 -40.33 -5.86 3.34
N TYR C 17 -39.84 -4.71 2.89
CA TYR C 17 -39.28 -4.66 1.55
C TYR C 17 -38.02 -5.52 1.46
N ASP C 18 -37.13 -5.42 2.45
CA ASP C 18 -35.86 -6.16 2.37
C ASP C 18 -36.09 -7.68 2.22
N GLN C 19 -36.97 -8.27 3.01
CA GLN C 19 -37.05 -9.72 2.88
C GLN C 19 -37.79 -10.13 1.60
N CYS C 20 -38.74 -9.32 1.12
CA CYS C 20 -39.28 -9.56 -0.21
C CYS C 20 -38.17 -9.52 -1.26
N PHE C 21 -37.25 -8.58 -1.11
CA PHE C 21 -36.17 -8.45 -2.07
C PHE C 21 -35.20 -9.62 -1.97
N ASN C 22 -34.83 -10.01 -0.74
CA ASN C 22 -33.97 -11.18 -0.52
C ASN C 22 -34.50 -12.42 -1.24
N ARG C 23 -35.82 -12.69 -1.13
CA ARG C 23 -36.40 -13.87 -1.78
C ARG C 23 -36.29 -13.77 -3.29
N TRP C 24 -36.71 -12.62 -3.85
CA TRP C 24 -36.61 -12.39 -5.30
C TRP C 24 -35.16 -12.47 -5.78
N PHE C 25 -34.24 -11.85 -5.04
CA PHE C 25 -32.82 -11.85 -5.42
C PHE C 25 -32.28 -13.27 -5.52
N ALA C 26 -32.41 -14.04 -4.42
CA ALA C 26 -31.78 -15.36 -4.38
C ALA C 26 -32.50 -16.34 -5.29
N GLU C 27 -33.83 -16.23 -5.41
CA GLU C 27 -34.56 -17.27 -6.12
C GLU C 27 -34.80 -16.96 -7.57
N LYS C 28 -34.84 -15.66 -7.97
CA LYS C 28 -35.12 -15.27 -9.34
C LYS C 28 -33.94 -14.56 -9.99
N PHE C 29 -33.51 -13.41 -9.42
CA PHE C 29 -32.50 -12.60 -10.10
C PHE C 29 -31.19 -13.35 -10.26
N LEU C 30 -30.71 -13.97 -9.19
CA LEU C 30 -29.41 -14.64 -9.25
C LEU C 30 -29.43 -15.90 -10.11
N LYS C 31 -30.62 -16.45 -10.36
CA LYS C 31 -30.82 -17.57 -11.25
C LYS C 31 -31.20 -17.12 -12.65
N GLY C 32 -31.02 -15.84 -12.99
CA GLY C 32 -31.30 -15.36 -14.33
C GLY C 32 -32.76 -15.23 -14.68
N ASP C 33 -33.66 -15.33 -13.70
CA ASP C 33 -35.09 -15.21 -13.98
C ASP C 33 -35.48 -13.75 -14.11
N SER C 34 -36.33 -13.49 -15.10
CA SER C 34 -36.70 -12.13 -15.47
C SER C 34 -38.19 -11.88 -15.25
N SER C 35 -38.72 -12.32 -14.11
CA SER C 35 -40.05 -11.96 -13.67
C SER C 35 -40.05 -10.59 -12.96
N GLY C 36 -39.54 -9.59 -13.69
CA GLY C 36 -39.62 -8.19 -13.29
C GLY C 36 -39.21 -7.91 -11.86
N ASP C 37 -40.18 -7.53 -11.00
CA ASP C 37 -39.96 -7.44 -9.56
C ASP C 37 -41.29 -7.43 -8.83
N PRO C 38 -41.51 -8.39 -7.91
CA PRO C 38 -42.75 -8.41 -7.12
C PRO C 38 -42.78 -7.42 -5.97
N CYS C 39 -41.67 -6.73 -5.70
CA CYS C 39 -41.53 -5.89 -4.52
C CYS C 39 -41.70 -4.41 -4.82
N THR C 40 -42.14 -4.06 -6.03
CA THR C 40 -42.10 -2.65 -6.44
C THR C 40 -43.03 -1.79 -5.59
N ASP C 41 -44.19 -2.29 -5.22
CA ASP C 41 -45.05 -1.43 -4.42
C ASP C 41 -44.61 -1.34 -2.97
N LEU C 42 -44.04 -2.40 -2.39
CA LEU C 42 -43.30 -2.23 -1.15
C LEU C 42 -42.19 -1.20 -1.31
N PHE C 43 -41.50 -1.21 -2.46
CA PHE C 43 -40.33 -0.34 -2.64
C PHE C 43 -40.78 1.11 -2.75
N LYS C 44 -41.81 1.35 -3.54
CA LYS C 44 -42.31 2.71 -3.73
C LYS C 44 -42.82 3.30 -2.42
N ARG C 45 -43.54 2.50 -1.62
CA ARG C 45 -43.99 3.03 -0.34
C ARG C 45 -42.81 3.29 0.59
N TYR C 46 -41.82 2.39 0.57
CA TYR C 46 -40.67 2.54 1.45
C TYR C 46 -39.83 3.76 1.06
N GLN C 47 -39.59 3.95 -0.24
CA GLN C 47 -38.84 5.11 -0.70
C GLN C 47 -39.54 6.42 -0.38
N GLN C 48 -40.87 6.47 -0.48
CA GLN C 48 -41.57 7.70 -0.11
C GLN C 48 -41.25 8.09 1.32
N CYS C 49 -41.31 7.12 2.23
CA CYS C 49 -41.04 7.43 3.63
C CYS C 49 -39.58 7.85 3.83
N VAL C 50 -38.64 7.11 3.22
CA VAL C 50 -37.25 7.31 3.57
C VAL C 50 -36.69 8.53 2.86
N GLN C 51 -37.16 8.85 1.65
CA GLN C 51 -36.65 10.01 0.95
C GLN C 51 -37.10 11.28 1.67
N LYS C 52 -38.34 11.27 2.16
CA LYS C 52 -38.81 12.30 3.08
C LYS C 52 -37.88 12.47 4.27
N ALA C 53 -37.57 11.37 4.98
CA ALA C 53 -36.74 11.45 6.17
C ALA C 53 -35.34 11.98 5.85
N ILE C 54 -34.81 11.64 4.68
CA ILE C 54 -33.50 12.10 4.26
C ILE C 54 -33.49 13.63 4.05
N LYS C 55 -34.56 14.20 3.52
CA LYS C 55 -34.63 15.65 3.38
C LYS C 55 -34.75 16.33 4.73
N GLU C 56 -35.68 15.84 5.58
CA GLU C 56 -35.84 16.46 6.89
C GLU C 56 -34.54 16.45 7.68
N LYS C 57 -33.78 15.37 7.57
CA LYS C 57 -32.48 15.30 8.23
C LYS C 57 -31.35 15.94 7.42
N GLU C 58 -31.65 16.48 6.24
CA GLU C 58 -30.64 17.13 5.40
C GLU C 58 -29.42 16.24 5.17
N ILE C 59 -29.65 14.94 4.93
CA ILE C 59 -28.54 14.04 4.55
C ILE C 59 -28.13 14.36 3.12
N PRO C 60 -26.87 14.68 2.84
CA PRO C 60 -26.55 15.27 1.50
C PRO C 60 -26.26 14.22 0.42
N ILE C 61 -27.29 13.47 0.00
CA ILE C 61 -27.10 12.41 -0.99
C ILE C 61 -27.36 12.85 -2.42
N GLU C 62 -27.79 14.07 -2.67
CA GLU C 62 -28.09 14.46 -4.04
C GLU C 62 -26.84 14.89 -4.80
N GLY C 63 -26.86 14.67 -6.12
CA GLY C 63 -25.83 15.21 -6.99
C GLY C 63 -24.59 14.35 -7.07
N LEU C 64 -24.66 13.08 -6.65
CA LEU C 64 -23.51 12.21 -6.49
C LEU C 64 -23.57 11.10 -7.54
N GLU C 65 -22.65 11.15 -8.49
CA GLU C 65 -22.65 10.22 -9.61
C GLU C 65 -22.52 8.78 -9.12
N PHE C 66 -23.17 7.87 -9.81
CA PHE C 66 -23.15 6.48 -9.40
C PHE C 66 -21.74 5.86 -9.52
N MET C 67 -21.31 5.17 -8.45
CA MET C 67 -20.02 4.47 -8.34
C MET C 67 -18.84 5.45 -8.38
N GLY C 68 -19.06 6.68 -7.90
CA GLY C 68 -18.08 7.74 -8.08
C GLY C 68 -17.43 7.84 -9.44
N HIS C 69 -18.21 7.86 -10.52
CA HIS C 69 -17.64 8.01 -11.87
C HIS C 69 -18.02 9.35 -12.49
N ASP D 1 16.79 -27.17 -11.82
CA ASP D 1 16.33 -27.86 -10.62
C ASP D 1 17.05 -27.34 -9.36
N LYS D 2 18.32 -26.96 -9.53
CA LYS D 2 19.14 -26.35 -8.49
C LYS D 2 19.65 -25.00 -9.00
N MET D 3 19.93 -24.05 -8.08
CA MET D 3 20.55 -22.80 -8.50
C MET D 3 22.05 -22.93 -8.75
N ASN D 4 22.51 -22.05 -9.62
CA ASN D 4 23.92 -21.81 -9.81
C ASN D 4 24.47 -20.83 -8.77
N SER D 5 25.70 -21.08 -8.34
CA SER D 5 26.45 -20.09 -7.62
C SER D 5 26.86 -18.94 -8.58
N VAL D 6 27.25 -17.82 -7.98
CA VAL D 6 27.76 -16.71 -8.77
C VAL D 6 29.14 -17.04 -9.32
N GLY D 7 29.82 -18.04 -8.78
CA GLY D 7 31.01 -18.55 -9.41
C GLY D 7 30.73 -19.93 -9.98
N GLU D 8 30.91 -20.10 -11.31
CA GLU D 8 30.59 -21.39 -11.93
C GLU D 8 31.39 -22.51 -11.29
N ALA D 9 32.65 -22.26 -10.93
CA ALA D 9 33.43 -23.31 -10.30
C ALA D 9 32.92 -23.69 -8.92
N CYS D 10 32.01 -22.90 -8.33
CA CYS D 10 31.51 -23.11 -6.97
C CYS D 10 30.16 -23.82 -6.90
N THR D 11 29.49 -24.04 -8.04
CA THR D 11 28.10 -24.49 -8.04
C THR D 11 27.94 -25.87 -7.41
N ASP D 12 28.78 -26.82 -7.79
CA ASP D 12 28.59 -28.14 -7.22
C ASP D 12 28.97 -28.16 -5.74
N MET D 13 29.94 -27.33 -5.32
CA MET D 13 30.20 -27.21 -3.90
C MET D 13 29.01 -26.61 -3.18
N LYS D 14 28.33 -25.69 -3.85
CA LYS D 14 27.12 -25.11 -3.29
C LYS D 14 26.02 -26.16 -3.15
N ARG D 15 25.76 -26.92 -4.21
CA ARG D 15 24.68 -27.91 -4.16
C ARG D 15 24.89 -28.88 -3.02
N GLU D 16 26.14 -29.21 -2.70
CA GLU D 16 26.41 -30.18 -1.65
C GLU D 16 26.38 -29.54 -0.27
N TYR D 17 26.73 -28.26 -0.14
CA TYR D 17 26.62 -27.66 1.18
C TYR D 17 25.17 -27.36 1.53
N ASP D 18 24.44 -26.71 0.61
CA ASP D 18 23.00 -26.49 0.78
C ASP D 18 22.29 -27.80 1.21
N GLN D 19 22.55 -28.90 0.49
CA GLN D 19 21.82 -30.14 0.75
C GLN D 19 22.10 -30.65 2.16
N CYS D 20 23.37 -30.63 2.58
CA CYS D 20 23.73 -30.91 3.96
C CYS D 20 23.14 -29.90 4.94
N PHE D 21 23.27 -28.59 4.64
CA PHE D 21 22.78 -27.57 5.58
C PHE D 21 21.29 -27.74 5.84
N ASN D 22 20.52 -28.07 4.81
CA ASN D 22 19.09 -28.24 4.97
C ASN D 22 18.77 -29.39 5.92
N ARG D 23 19.52 -30.51 5.84
CA ARG D 23 19.24 -31.63 6.73
C ARG D 23 19.51 -31.24 8.16
N TRP D 24 20.63 -30.56 8.42
CA TRP D 24 20.95 -30.11 9.76
C TRP D 24 19.94 -29.08 10.27
N PHE D 25 19.49 -28.18 9.37
CA PHE D 25 18.57 -27.11 9.76
C PHE D 25 17.25 -27.68 10.25
N ALA D 26 16.62 -28.55 9.46
CA ALA D 26 15.33 -29.08 9.84
C ALA D 26 15.44 -30.00 11.04
N GLU D 27 16.50 -30.81 11.12
CA GLU D 27 16.51 -31.89 12.10
C GLU D 27 17.17 -31.50 13.42
N LYS D 28 18.19 -30.66 13.40
CA LYS D 28 18.78 -30.20 14.65
C LYS D 28 18.36 -28.77 14.96
N PHE D 29 18.64 -27.82 14.05
CA PHE D 29 18.54 -26.42 14.43
C PHE D 29 17.14 -26.04 14.83
N LEU D 30 16.16 -26.30 13.96
CA LEU D 30 14.79 -25.93 14.26
C LEU D 30 14.23 -26.70 15.44
N LYS D 31 14.86 -27.82 15.79
CA LYS D 31 14.40 -28.60 16.92
C LYS D 31 15.18 -28.26 18.17
N GLY D 32 16.04 -27.25 18.11
CA GLY D 32 16.72 -26.81 19.30
C GLY D 32 17.95 -27.58 19.65
N ASP D 33 18.26 -28.64 18.89
CA ASP D 33 19.44 -29.43 19.18
C ASP D 33 20.69 -28.58 19.03
N SER D 34 21.42 -28.43 20.13
CA SER D 34 22.54 -27.51 20.20
C SER D 34 23.87 -28.17 19.87
N SER D 35 23.87 -29.41 19.41
CA SER D 35 25.12 -30.01 18.94
C SER D 35 25.59 -29.26 17.70
N GLY D 36 26.90 -29.02 17.62
CA GLY D 36 27.50 -28.09 16.68
C GLY D 36 27.20 -28.33 15.21
N ASP D 37 27.69 -27.43 14.35
CA ASP D 37 27.37 -27.50 12.94
C ASP D 37 27.96 -28.76 12.32
N PRO D 38 27.13 -29.48 11.57
CA PRO D 38 27.55 -30.70 10.89
C PRO D 38 28.34 -30.38 9.60
N CYS D 39 27.89 -29.39 8.81
CA CYS D 39 28.36 -29.10 7.46
C CYS D 39 29.50 -28.11 7.46
N THR D 40 30.14 -27.94 8.60
CA THR D 40 31.22 -26.98 8.70
C THR D 40 32.26 -27.14 7.56
N ASP D 41 32.96 -28.27 7.46
CA ASP D 41 33.96 -28.43 6.38
C ASP D 41 33.43 -28.15 4.97
N LEU D 42 32.24 -28.64 4.61
CA LEU D 42 31.67 -28.31 3.29
C LEU D 42 31.54 -26.80 3.11
N PHE D 43 31.24 -26.08 4.20
CA PHE D 43 31.00 -24.65 4.12
C PHE D 43 32.26 -23.85 3.81
N LYS D 44 33.38 -24.07 4.53
CA LYS D 44 34.53 -23.19 4.24
C LYS D 44 35.18 -23.56 2.93
N ARG D 45 35.09 -24.81 2.52
CA ARG D 45 35.46 -25.15 1.16
C ARG D 45 34.62 -24.34 0.17
N TYR D 46 33.30 -24.45 0.27
CA TYR D 46 32.41 -23.64 -0.55
C TYR D 46 32.75 -22.15 -0.47
N GLN D 47 32.98 -21.65 0.74
CA GLN D 47 33.28 -20.24 0.92
C GLN D 47 34.53 -19.85 0.16
N GLN D 48 35.62 -20.59 0.35
CA GLN D 48 36.87 -20.29 -0.33
C GLN D 48 36.67 -20.05 -1.82
N CYS D 49 35.88 -20.88 -2.48
CA CYS D 49 35.59 -20.68 -3.89
C CYS D 49 34.79 -19.39 -4.13
N VAL D 50 33.63 -19.23 -3.50
CA VAL D 50 32.78 -18.09 -3.85
C VAL D 50 33.43 -16.77 -3.48
N GLN D 51 34.17 -16.72 -2.37
CA GLN D 51 34.76 -15.44 -2.01
C GLN D 51 35.74 -14.98 -3.08
N LYS D 52 36.54 -15.91 -3.62
CA LYS D 52 37.38 -15.56 -4.76
C LYS D 52 36.53 -15.15 -5.96
N ALA D 53 35.44 -15.87 -6.24
CA ALA D 53 34.62 -15.51 -7.40
C ALA D 53 34.00 -14.13 -7.23
N ILE D 54 33.68 -13.76 -5.99
CA ILE D 54 33.05 -12.47 -5.72
C ILE D 54 34.04 -11.34 -5.96
N LYS D 55 35.29 -11.50 -5.52
CA LYS D 55 36.28 -10.46 -5.74
C LYS D 55 36.62 -10.35 -7.22
N GLU D 56 36.70 -11.48 -7.91
CA GLU D 56 36.95 -11.53 -9.33
C GLU D 56 35.89 -10.75 -10.12
N LYS D 57 34.63 -10.86 -9.72
CA LYS D 57 33.55 -10.13 -10.38
C LYS D 57 33.32 -8.74 -9.80
N GLU D 58 34.05 -8.37 -8.76
CA GLU D 58 33.95 -7.04 -8.14
C GLU D 58 32.54 -6.80 -7.61
N ILE D 59 31.91 -7.86 -7.07
CA ILE D 59 30.62 -7.72 -6.40
C ILE D 59 30.89 -6.95 -5.12
N PRO D 60 30.32 -5.73 -4.93
CA PRO D 60 30.73 -4.87 -3.79
C PRO D 60 30.00 -5.21 -2.49
N ILE D 61 30.41 -6.30 -1.83
CA ILE D 61 29.73 -6.79 -0.62
C ILE D 61 30.47 -6.47 0.66
N GLU D 62 31.59 -5.75 0.61
CA GLU D 62 32.40 -5.56 1.81
C GLU D 62 32.05 -4.25 2.52
N GLY D 63 32.29 -4.23 3.83
CA GLY D 63 32.01 -3.05 4.61
C GLY D 63 30.54 -2.71 4.81
N LEU D 64 29.65 -3.70 4.72
CA LEU D 64 28.20 -3.49 4.79
C LEU D 64 27.69 -4.06 6.11
N GLU D 65 27.20 -3.20 6.98
CA GLU D 65 26.75 -3.66 8.28
C GLU D 65 25.57 -4.63 8.15
N PHE D 66 25.53 -5.58 9.08
CA PHE D 66 24.54 -6.65 9.03
C PHE D 66 23.14 -6.10 9.34
N MET D 67 22.14 -6.54 8.57
CA MET D 67 20.75 -6.12 8.74
C MET D 67 20.58 -4.61 8.55
N GLY D 68 21.52 -3.96 7.84
CA GLY D 68 21.41 -2.56 7.50
C GLY D 68 21.71 -1.59 8.64
N HIS D 69 21.78 -0.32 8.26
CA HIS D 69 21.93 0.80 9.21
C HIS D 69 21.47 2.11 8.54
#